data_1JQ9
#
_entry.id   1JQ9
#
_cell.length_a   76.130
_cell.length_b   89.161
_cell.length_c   77.548
_cell.angle_alpha   90.00
_cell.angle_beta   90.00
_cell.angle_gamma   90.00
#
_symmetry.space_group_name_H-M   'C 2 2 21'
#
loop_
_entity.id
_entity.type
_entity.pdbx_description
1 polymer 'Phospholipase A2'
2 polymer 'Peptide inhibitor'
3 non-polymer 'ACETIC ACID'
4 water water
#
loop_
_entity_poly.entity_id
_entity_poly.type
_entity_poly.pdbx_seq_one_letter_code
_entity_poly.pdbx_strand_id
1 'polypeptide(L)'
;SLLEFGKMILEETGKLAIPSYSSYGCYCGWGGKGTPKDATDRCCFVHDCCYGNLPDCNPKSDRYKYKRVNGAIVCEKGTS
CENRICECDKAAAICFRQNLNTYSKKYMLYPDFLCKGELKC
;
A,B
2 'polypeptide(L)' FLSYK P
#
# COMPACT_ATOMS: atom_id res chain seq x y z
N SER A 1 12.37 -2.60 4.99
CA SER A 1 11.30 -1.60 4.72
C SER A 1 10.37 -2.10 3.61
N LEU A 2 9.36 -1.30 3.30
CA LEU A 2 8.40 -1.66 2.26
C LEU A 2 9.12 -1.87 0.93
N LEU A 3 10.27 -1.23 0.77
CA LEU A 3 11.05 -1.37 -0.46
C LEU A 3 11.51 -2.82 -0.65
N GLU A 4 12.18 -3.36 0.37
CA GLU A 4 12.67 -4.73 0.32
C GLU A 4 11.53 -5.76 0.27
N PHE A 5 10.53 -5.58 1.13
CA PHE A 5 9.39 -6.48 1.20
C PHE A 5 8.65 -6.50 -0.14
N GLY A 6 8.47 -5.33 -0.73
CA GLY A 6 7.79 -5.24 -2.01
C GLY A 6 8.54 -5.99 -3.09
N LYS A 7 9.86 -5.92 -3.06
CA LYS A 7 10.68 -6.59 -4.06
C LYS A 7 10.49 -8.11 -3.97
N MET A 8 10.53 -8.64 -2.74
CA MET A 8 10.34 -10.08 -2.54
C MET A 8 8.97 -10.54 -3.04
N ILE A 9 7.94 -9.75 -2.75
CA ILE A 9 6.58 -10.10 -3.15
C ILE A 9 6.47 -10.23 -4.66
N LEU A 10 7.09 -9.30 -5.38
CA LEU A 10 7.04 -9.34 -6.83
C LEU A 10 7.79 -10.57 -7.35
N GLU A 11 8.98 -10.80 -6.81
CA GLU A 11 9.79 -11.93 -7.24
C GLU A 11 9.09 -13.27 -7.00
N GLU A 12 8.40 -13.37 -5.86
CA GLU A 12 7.71 -14.60 -5.48
C GLU A 12 6.31 -14.78 -6.07
N THR A 13 5.57 -13.69 -6.26
CA THR A 13 4.21 -13.78 -6.77
C THR A 13 3.99 -13.24 -8.19
N GLY A 14 4.95 -12.46 -8.68
CA GLY A 14 4.81 -11.87 -10.00
C GLY A 14 3.83 -10.72 -10.01
N LYS A 15 3.38 -10.33 -8.82
CA LYS A 15 2.43 -9.23 -8.67
C LYS A 15 3.08 -8.09 -7.88
N LEU A 16 2.74 -6.85 -8.24
CA LEU A 16 3.27 -5.69 -7.54
C LEU A 16 2.56 -5.66 -6.19
N ALA A 17 3.32 -5.69 -5.10
CA ALA A 17 2.73 -5.70 -3.76
C ALA A 17 1.74 -4.55 -3.59
N ILE A 18 2.06 -3.42 -4.21
CA ILE A 18 1.18 -2.26 -4.18
C ILE A 18 0.84 -2.11 -5.66
N PRO A 19 -0.46 -2.15 -6.01
CA PRO A 19 -1.67 -2.29 -5.18
C PRO A 19 -2.25 -3.69 -4.93
N SER A 20 -1.58 -4.74 -5.39
CA SER A 20 -2.09 -6.10 -5.21
C SER A 20 -2.34 -6.58 -3.78
N TYR A 21 -1.43 -6.28 -2.86
CA TYR A 21 -1.56 -6.74 -1.48
C TYR A 21 -1.67 -5.65 -0.43
N SER A 22 -1.72 -4.39 -0.85
CA SER A 22 -1.78 -3.28 0.08
C SER A 22 -3.16 -2.90 0.60
N SER A 23 -4.21 -3.54 0.10
CA SER A 23 -5.56 -3.24 0.55
C SER A 23 -6.37 -4.53 0.66
N TYR A 24 -5.66 -5.65 0.79
CA TYR A 24 -6.28 -6.97 0.85
C TYR A 24 -6.81 -7.42 2.21
N GLY A 25 -8.08 -7.79 2.25
CA GLY A 25 -8.68 -8.25 3.49
C GLY A 25 -8.53 -7.33 4.69
N CYS A 26 -8.45 -7.96 5.86
CA CYS A 26 -8.34 -7.22 7.12
C CYS A 26 -6.92 -6.93 7.58
N TYR A 27 -5.97 -7.73 7.14
CA TYR A 27 -4.60 -7.55 7.60
C TYR A 27 -3.54 -7.14 6.59
N CYS A 28 -3.85 -7.16 5.31
CA CYS A 28 -2.86 -6.77 4.32
C CYS A 28 -3.04 -5.28 4.06
N GLY A 29 -2.37 -4.48 4.88
CA GLY A 29 -2.46 -3.03 4.77
C GLY A 29 -2.00 -2.41 6.08
N TRP A 30 -2.80 -1.51 6.63
CA TRP A 30 -2.43 -0.87 7.90
C TRP A 30 -3.34 -1.36 9.01
N GLY A 31 -4.49 -1.91 8.62
CA GLY A 31 -5.43 -2.42 9.60
C GLY A 31 -4.82 -3.50 10.45
N GLY A 32 -5.60 -4.06 11.37
CA GLY A 32 -5.11 -5.11 12.24
C GLY A 32 -6.15 -5.61 13.21
N LYS A 33 -7.35 -5.88 12.72
CA LYS A 33 -8.42 -6.38 13.57
C LYS A 33 -9.35 -7.31 12.79
N GLY A 34 -10.13 -8.09 13.53
CA GLY A 34 -11.07 -9.02 12.91
C GLY A 34 -10.45 -10.35 12.50
N THR A 35 -11.28 -11.21 11.94
CA THR A 35 -10.84 -12.53 11.50
C THR A 35 -10.32 -12.44 10.07
N PRO A 36 -9.09 -12.93 9.82
CA PRO A 36 -8.54 -12.89 8.46
C PRO A 36 -9.54 -13.49 7.47
N LYS A 37 -9.69 -12.85 6.32
CA LYS A 37 -10.66 -13.30 5.31
C LYS A 37 -10.35 -14.64 4.66
N ASP A 38 -9.07 -14.92 4.44
CA ASP A 38 -8.66 -16.17 3.81
C ASP A 38 -7.18 -16.44 4.08
N ALA A 39 -6.62 -17.40 3.34
CA ALA A 39 -5.21 -17.77 3.50
C ALA A 39 -4.26 -16.61 3.28
N THR A 40 -4.47 -15.87 2.20
CA THR A 40 -3.60 -14.73 1.90
C THR A 40 -3.67 -13.71 3.02
N ASP A 41 -4.88 -13.46 3.53
CA ASP A 41 -5.05 -12.50 4.61
C ASP A 41 -4.36 -13.04 5.86
N ARG A 42 -4.42 -14.34 6.09
CA ARG A 42 -3.75 -14.90 7.27
C ARG A 42 -2.24 -14.69 7.15
N CYS A 43 -1.72 -14.71 5.92
CA CYS A 43 -0.29 -14.48 5.72
C CYS A 43 0.05 -13.11 6.30
N CYS A 44 -0.81 -12.12 6.04
CA CYS A 44 -0.57 -10.77 6.53
C CYS A 44 -0.71 -10.69 8.05
N PHE A 45 -1.67 -11.44 8.59
CA PHE A 45 -1.88 -11.47 10.02
C PHE A 45 -0.58 -11.96 10.68
N VAL A 46 -0.08 -13.08 10.18
CA VAL A 46 1.15 -13.67 10.70
C VAL A 46 2.32 -12.70 10.57
N HIS A 47 2.39 -12.03 9.42
CA HIS A 47 3.45 -11.05 9.17
C HIS A 47 3.41 -9.97 10.25
N ASP A 48 2.20 -9.55 10.60
CA ASP A 48 2.03 -8.52 11.63
C ASP A 48 2.52 -9.02 12.98
N CYS A 49 2.23 -10.27 13.29
CA CYS A 49 2.67 -10.83 14.57
C CYS A 49 4.19 -10.93 14.60
N CYS A 50 4.78 -11.27 13.47
CA CYS A 50 6.23 -11.39 13.37
C CYS A 50 6.84 -10.02 13.66
N TYR A 51 6.34 -8.99 12.98
CA TYR A 51 6.79 -7.62 13.15
C TYR A 51 6.53 -7.15 14.57
N GLY A 52 5.43 -7.62 15.16
CA GLY A 52 5.08 -7.22 16.50
C GLY A 52 6.01 -7.80 17.54
N ASN A 53 6.84 -8.74 17.12
CA ASN A 53 7.78 -9.37 18.02
C ASN A 53 9.19 -8.85 17.80
N LEU A 54 9.27 -7.68 17.17
CA LEU A 54 10.54 -7.01 16.90
C LEU A 54 10.43 -5.59 17.49
N PRO A 55 10.13 -5.50 18.80
CA PRO A 55 9.99 -4.23 19.52
C PRO A 55 11.21 -3.33 19.41
N ASP A 56 12.38 -3.97 19.43
CA ASP A 56 13.65 -3.26 19.38
C ASP A 56 14.06 -2.86 17.96
N CYS A 57 13.14 -3.00 17.01
CA CYS A 57 13.43 -2.65 15.63
C CYS A 57 12.37 -1.73 15.02
N ASN A 58 12.61 -1.36 13.76
CA ASN A 58 11.71 -0.49 13.00
C ASN A 58 11.46 -1.22 11.67
N PRO A 59 10.64 -2.28 11.69
CA PRO A 59 10.27 -3.09 10.54
C PRO A 59 10.00 -2.36 9.24
N LYS A 60 9.05 -1.43 9.26
CA LYS A 60 8.67 -0.66 8.09
C LYS A 60 9.72 0.28 7.53
N SER A 61 10.59 0.80 8.40
CA SER A 61 11.62 1.73 7.96
C SER A 61 13.02 1.17 7.71
N ASP A 62 13.51 0.34 8.63
CA ASP A 62 14.84 -0.24 8.49
C ASP A 62 15.10 -0.91 7.14
N ARG A 63 16.21 -0.54 6.51
CA ARG A 63 16.60 -1.11 5.22
C ARG A 63 17.51 -2.29 5.48
N TYR A 64 17.40 -3.32 4.64
CA TYR A 64 18.24 -4.50 4.79
C TYR A 64 18.55 -5.07 3.41
N LYS A 65 19.55 -5.92 3.34
CA LYS A 65 19.94 -6.52 2.08
C LYS A 65 19.67 -8.02 2.10
N TYR A 66 19.38 -8.59 0.93
CA TYR A 66 19.13 -10.01 0.83
C TYR A 66 19.55 -10.49 -0.56
N LYS A 67 19.72 -11.80 -0.69
CA LYS A 67 20.14 -12.38 -1.95
C LYS A 67 19.29 -13.58 -2.32
N ARG A 68 19.51 -14.12 -3.51
CA ARG A 68 18.77 -15.28 -3.96
C ARG A 68 19.79 -16.33 -4.39
N VAL A 69 19.75 -17.48 -3.71
CA VAL A 69 20.66 -18.58 -4.00
C VAL A 69 19.86 -19.82 -4.35
N ASN A 70 20.08 -20.36 -5.54
CA ASN A 70 19.36 -21.55 -5.99
C ASN A 70 17.87 -21.30 -6.11
N GLY A 71 17.51 -20.09 -6.53
CA GLY A 71 16.12 -19.74 -6.70
C GLY A 71 15.35 -19.43 -5.43
N ALA A 72 16.02 -19.40 -4.29
CA ALA A 72 15.35 -19.11 -3.02
C ALA A 72 15.93 -17.88 -2.33
N ILE A 73 15.08 -17.19 -1.57
CA ILE A 73 15.47 -15.98 -0.84
C ILE A 73 16.41 -16.34 0.31
N VAL A 74 17.51 -15.62 0.43
CA VAL A 74 18.48 -15.87 1.50
C VAL A 74 18.83 -14.59 2.26
N CYS A 75 18.42 -14.53 3.53
CA CYS A 75 18.70 -13.37 4.36
C CYS A 75 20.11 -13.49 4.93
N GLU A 76 21.02 -12.65 4.44
CA GLU A 76 22.39 -12.66 4.92
C GLU A 76 22.54 -11.89 6.22
N LYS A 77 23.67 -12.06 6.88
CA LYS A 77 23.92 -11.40 8.15
C LYS A 77 24.20 -9.90 8.09
N GLY A 78 23.42 -9.16 8.85
CA GLY A 78 23.56 -7.73 8.95
C GLY A 78 23.39 -7.49 10.44
N THR A 79 22.54 -6.56 10.82
CA THR A 79 22.30 -6.31 12.23
C THR A 79 21.26 -7.35 12.61
N SER A 80 21.08 -7.57 13.91
CA SER A 80 20.09 -8.55 14.36
C SER A 80 18.73 -8.17 13.80
N CYS A 81 18.42 -6.88 13.83
CA CYS A 81 17.15 -6.38 13.32
C CYS A 81 16.98 -6.61 11.83
N GLU A 82 17.99 -6.26 11.05
CA GLU A 82 17.92 -6.45 9.60
C GLU A 82 17.65 -7.91 9.26
N ASN A 83 18.30 -8.82 9.98
CA ASN A 83 18.13 -10.24 9.73
C ASN A 83 16.72 -10.72 10.09
N ARG A 84 16.21 -10.28 11.25
CA ARG A 84 14.88 -10.69 11.67
C ARG A 84 13.79 -10.10 10.78
N ILE A 85 13.93 -8.83 10.42
CA ILE A 85 12.94 -8.17 9.56
C ILE A 85 12.91 -8.91 8.24
N CYS A 86 14.09 -9.21 7.70
CA CYS A 86 14.20 -9.92 6.44
C CYS A 86 13.47 -11.26 6.52
N GLU A 87 13.67 -11.99 7.62
CA GLU A 87 13.01 -13.28 7.78
C GLU A 87 11.48 -13.15 7.86
N CYS A 88 10.98 -12.13 8.52
CA CYS A 88 9.53 -11.95 8.60
C CYS A 88 8.99 -11.70 7.20
N ASP A 89 9.67 -10.84 6.45
CA ASP A 89 9.24 -10.54 5.09
C ASP A 89 9.33 -11.76 4.19
N LYS A 90 10.44 -12.50 4.30
CA LYS A 90 10.65 -13.70 3.48
C LYS A 90 9.51 -14.68 3.69
N ALA A 91 9.18 -14.94 4.96
CA ALA A 91 8.12 -15.88 5.29
C ALA A 91 6.79 -15.47 4.70
N ALA A 92 6.49 -14.17 4.74
CA ALA A 92 5.22 -13.68 4.20
C ALA A 92 5.16 -13.73 2.68
N ALA A 93 6.26 -13.35 2.03
CA ALA A 93 6.30 -13.36 0.57
C ALA A 93 6.06 -14.77 0.05
N ILE A 94 6.69 -15.74 0.70
CA ILE A 94 6.53 -17.12 0.30
C ILE A 94 5.10 -17.57 0.62
N CYS A 95 4.57 -17.12 1.74
CA CYS A 95 3.20 -17.47 2.12
C CYS A 95 2.24 -16.99 1.03
N PHE A 96 2.45 -15.77 0.54
CA PHE A 96 1.60 -15.22 -0.52
C PHE A 96 1.66 -16.14 -1.73
N ARG A 97 2.89 -16.50 -2.12
CA ARG A 97 3.13 -17.37 -3.27
C ARG A 97 2.44 -18.72 -3.13
N GLN A 98 2.62 -19.34 -1.97
CA GLN A 98 2.04 -20.66 -1.70
C GLN A 98 0.52 -20.67 -1.76
N ASN A 99 -0.08 -19.51 -1.51
CA ASN A 99 -1.53 -19.38 -1.50
C ASN A 99 -2.14 -18.58 -2.66
N LEU A 100 -1.40 -18.44 -3.75
CA LEU A 100 -1.93 -17.71 -4.90
C LEU A 100 -3.16 -18.36 -5.50
N ASN A 101 -3.30 -19.67 -5.32
CA ASN A 101 -4.45 -20.36 -5.88
C ASN A 101 -5.78 -19.97 -5.24
N THR A 102 -5.74 -19.28 -4.11
CA THR A 102 -6.97 -18.84 -3.46
C THR A 102 -7.04 -17.33 -3.30
N TYR A 103 -6.09 -16.61 -3.92
CA TYR A 103 -6.11 -15.16 -3.87
C TYR A 103 -7.40 -14.74 -4.57
N SER A 104 -8.24 -13.98 -3.88
CA SER A 104 -9.52 -13.56 -4.45
C SER A 104 -9.62 -12.06 -4.65
N LYS A 105 -9.92 -11.65 -5.88
CA LYS A 105 -10.02 -10.23 -6.20
C LYS A 105 -11.07 -9.52 -5.36
N LYS A 106 -12.10 -10.25 -4.91
CA LYS A 106 -13.15 -9.63 -4.12
C LYS A 106 -12.69 -9.07 -2.79
N TYR A 107 -11.49 -9.46 -2.35
CA TYR A 107 -10.96 -8.97 -1.09
C TYR A 107 -10.02 -7.78 -1.24
N MET A 108 -9.88 -7.30 -2.47
CA MET A 108 -9.05 -6.13 -2.72
C MET A 108 -9.88 -4.90 -2.34
N LEU A 109 -9.20 -3.84 -1.92
CA LEU A 109 -9.88 -2.61 -1.53
C LEU A 109 -10.91 -2.91 -0.45
N TYR A 110 -10.54 -3.79 0.48
CA TYR A 110 -11.44 -4.19 1.57
C TYR A 110 -11.53 -3.10 2.63
N PRO A 111 -12.76 -2.62 2.94
CA PRO A 111 -12.95 -1.58 3.95
C PRO A 111 -12.74 -2.06 5.38
N ASP A 112 -11.84 -1.40 6.10
CA ASP A 112 -11.54 -1.81 7.47
C ASP A 112 -12.74 -1.84 8.41
N PHE A 113 -13.77 -1.04 8.14
CA PHE A 113 -14.91 -1.04 9.05
C PHE A 113 -15.53 -2.44 9.14
N LEU A 114 -15.29 -3.28 8.13
CA LEU A 114 -15.81 -4.65 8.14
C LEU A 114 -14.94 -5.54 9.02
N CYS A 115 -13.84 -4.99 9.50
CA CYS A 115 -12.92 -5.72 10.35
C CYS A 115 -12.88 -5.14 11.76
N LYS A 116 -13.30 -5.93 12.74
CA LYS A 116 -13.31 -5.49 14.12
C LYS A 116 -13.07 -6.67 15.06
N GLY A 117 -12.50 -6.39 16.23
CA GLY A 117 -12.23 -7.44 17.19
C GLY A 117 -10.77 -7.87 17.15
N GLU A 118 -10.05 -7.63 18.24
CA GLU A 118 -8.64 -7.99 18.30
C GLU A 118 -8.46 -9.51 18.32
N LEU A 119 -7.56 -10.00 17.47
CA LEU A 119 -7.27 -11.44 17.39
C LEU A 119 -5.87 -11.67 17.93
N LYS A 120 -5.75 -12.59 18.88
CA LYS A 120 -4.47 -12.90 19.51
C LYS A 120 -3.45 -13.56 18.59
N CYS A 121 -2.19 -13.18 18.75
CA CYS A 121 -1.10 -13.74 17.96
C CYS A 121 -0.63 -15.06 18.55
N SER B 1 -3.22 11.13 -15.37
CA SER B 1 -2.90 12.50 -14.88
C SER B 1 -3.93 12.94 -13.83
N LEU B 2 -3.73 14.13 -13.28
CA LEU B 2 -4.65 14.64 -12.27
C LEU B 2 -6.06 14.83 -12.81
N LEU B 3 -6.20 15.05 -14.11
CA LEU B 3 -7.52 15.23 -14.70
C LEU B 3 -8.35 13.97 -14.45
N GLU B 4 -7.78 12.80 -14.71
CA GLU B 4 -8.49 11.55 -14.48
C GLU B 4 -8.58 11.22 -12.98
N PHE B 5 -7.47 11.36 -12.27
CA PHE B 5 -7.43 11.07 -10.84
C PHE B 5 -8.39 12.02 -10.13
N GLY B 6 -8.35 13.29 -10.51
CA GLY B 6 -9.23 14.29 -9.89
C GLY B 6 -10.70 13.98 -10.11
N LYS B 7 -11.05 13.49 -11.29
CA LYS B 7 -12.43 13.13 -11.61
C LYS B 7 -12.86 12.00 -10.68
N MET B 8 -12.00 11.00 -10.53
CA MET B 8 -12.29 9.87 -9.65
C MET B 8 -12.52 10.35 -8.22
N ILE B 9 -11.63 11.23 -7.75
CA ILE B 9 -11.73 11.75 -6.39
C ILE B 9 -13.05 12.47 -6.15
N LEU B 10 -13.46 13.31 -7.10
CA LEU B 10 -14.72 14.03 -6.95
C LEU B 10 -15.90 13.06 -6.96
N GLU B 11 -15.84 12.07 -7.85
CA GLU B 11 -16.93 11.09 -7.95
C GLU B 11 -17.05 10.19 -6.73
N GLU B 12 -15.92 9.90 -6.09
CA GLU B 12 -15.92 9.02 -4.92
C GLU B 12 -16.06 9.72 -3.57
N THR B 13 -15.55 10.95 -3.48
CA THR B 13 -15.57 11.69 -2.21
C THR B 13 -16.41 12.95 -2.16
N GLY B 14 -16.77 13.50 -3.32
CA GLY B 14 -17.54 14.73 -3.34
C GLY B 14 -16.64 15.93 -3.11
N LYS B 15 -15.34 15.68 -2.99
CA LYS B 15 -14.35 16.74 -2.78
C LYS B 15 -13.46 16.96 -4.01
N LEU B 16 -12.97 18.18 -4.17
CA LEU B 16 -12.09 18.50 -5.29
C LEU B 16 -10.67 18.11 -4.90
N ALA B 17 -9.96 17.42 -5.79
CA ALA B 17 -8.59 17.00 -5.51
C ALA B 17 -7.79 18.18 -4.97
N ILE B 18 -7.90 19.31 -5.66
CA ILE B 18 -7.24 20.55 -5.24
C ILE B 18 -8.41 21.39 -4.74
N PRO B 19 -8.38 21.83 -3.47
CA PRO B 19 -7.35 21.63 -2.46
C PRO B 19 -7.54 20.53 -1.42
N SER B 20 -8.67 19.82 -1.46
CA SER B 20 -8.94 18.79 -0.47
C SER B 20 -7.88 17.69 -0.27
N TYR B 21 -7.22 17.29 -1.34
CA TYR B 21 -6.21 16.25 -1.22
C TYR B 21 -4.85 16.66 -1.77
N SER B 22 -4.64 17.96 -1.95
CA SER B 22 -3.37 18.46 -2.47
C SER B 22 -2.50 19.13 -1.41
N SER B 23 -3.03 19.33 -0.20
CA SER B 23 -2.25 19.95 0.88
C SER B 23 -2.60 19.35 2.23
N TYR B 24 -2.99 18.07 2.21
CA TYR B 24 -3.40 17.36 3.42
C TYR B 24 -2.29 16.50 4.00
N GLY B 25 -2.02 16.66 5.28
CA GLY B 25 -0.99 15.86 5.94
C GLY B 25 0.39 15.92 5.31
N CYS B 26 1.13 14.82 5.43
CA CYS B 26 2.49 14.75 4.89
C CYS B 26 2.59 14.27 3.46
N TYR B 27 1.66 13.41 3.02
CA TYR B 27 1.73 12.85 1.68
C TYR B 27 0.67 13.23 0.64
N CYS B 28 -0.43 13.85 1.06
CA CYS B 28 -1.45 14.23 0.09
C CYS B 28 -1.05 15.56 -0.50
N GLY B 29 -0.44 15.48 -1.67
CA GLY B 29 0.06 16.66 -2.35
C GLY B 29 1.37 16.22 -2.97
N TRP B 30 2.42 17.02 -2.83
CA TRP B 30 3.71 16.68 -3.41
C TRP B 30 4.84 16.79 -2.40
N GLY B 31 6.04 16.35 -2.80
CA GLY B 31 7.18 16.40 -1.90
C GLY B 31 6.98 15.63 -0.61
N GLY B 32 6.20 14.55 -0.67
CA GLY B 32 5.93 13.75 0.51
C GLY B 32 7.16 13.27 1.28
N LYS B 33 7.05 13.30 2.61
CA LYS B 33 8.12 12.88 3.50
C LYS B 33 7.54 12.74 4.92
N GLY B 34 8.16 11.90 5.75
CA GLY B 34 7.68 11.72 7.12
C GLY B 34 6.75 10.55 7.37
N THR B 35 6.10 10.56 8.54
CA THR B 35 5.17 9.50 8.91
C THR B 35 3.75 9.97 8.62
N PRO B 36 2.99 9.20 7.82
CA PRO B 36 1.61 9.60 7.51
C PRO B 36 0.85 9.94 8.80
N LYS B 37 0.14 11.06 8.79
CA LYS B 37 -0.62 11.53 9.96
C LYS B 37 -1.89 10.75 10.32
N ASP B 38 -2.63 10.29 9.32
CA ASP B 38 -3.86 9.54 9.60
C ASP B 38 -4.22 8.59 8.45
N ALA B 39 -5.42 8.03 8.50
CA ALA B 39 -5.85 7.09 7.46
C ALA B 39 -5.81 7.70 6.06
N THR B 40 -6.31 8.92 5.91
CA THR B 40 -6.31 9.57 4.62
C THR B 40 -4.90 9.84 4.12
N ASP B 41 -4.03 10.27 5.02
CA ASP B 41 -2.65 10.56 4.66
C ASP B 41 -1.98 9.25 4.25
N ARG B 42 -2.39 8.15 4.87
CA ARG B 42 -1.82 6.86 4.52
C ARG B 42 -2.24 6.47 3.11
N CYS B 43 -3.45 6.84 2.73
CA CYS B 43 -3.92 6.53 1.38
C CYS B 43 -2.97 7.17 0.38
N CYS B 44 -2.62 8.43 0.64
CA CYS B 44 -1.73 9.17 -0.26
C CYS B 44 -0.34 8.57 -0.25
N PHE B 45 0.11 8.15 0.92
CA PHE B 45 1.42 7.55 1.02
C PHE B 45 1.46 6.33 0.11
N VAL B 46 0.46 5.48 0.22
CA VAL B 46 0.39 4.27 -0.59
C VAL B 46 0.33 4.64 -2.08
N HIS B 47 -0.39 5.71 -2.39
CA HIS B 47 -0.52 6.18 -3.78
C HIS B 47 0.85 6.52 -4.35
N ASP B 48 1.67 7.21 -3.55
CA ASP B 48 3.02 7.58 -4.00
C ASP B 48 3.85 6.33 -4.26
N CYS B 49 3.78 5.36 -3.34
CA CYS B 49 4.53 4.12 -3.49
C CYS B 49 4.05 3.37 -4.72
N CYS B 50 2.75 3.39 -4.96
CA CYS B 50 2.18 2.73 -6.12
C CYS B 50 2.86 3.30 -7.37
N TYR B 51 2.89 4.63 -7.46
CA TYR B 51 3.51 5.30 -8.59
C TYR B 51 5.00 4.93 -8.66
N GLY B 52 5.61 4.79 -7.50
CA GLY B 52 7.02 4.45 -7.43
C GLY B 52 7.40 3.15 -8.08
N ASN B 53 6.44 2.23 -8.21
CA ASN B 53 6.69 0.92 -8.83
C ASN B 53 6.64 1.03 -10.34
N LEU B 54 6.33 2.22 -10.82
CA LEU B 54 6.22 2.47 -12.25
C LEU B 54 7.27 3.49 -12.69
N PRO B 55 8.56 3.12 -12.63
CA PRO B 55 9.68 3.99 -13.01
C PRO B 55 9.68 4.43 -14.48
N ASP B 56 9.29 3.51 -15.36
CA ASP B 56 9.26 3.79 -16.79
C ASP B 56 8.00 4.53 -17.24
N CYS B 57 7.13 4.86 -16.30
CA CYS B 57 5.91 5.58 -16.64
C CYS B 57 5.97 7.02 -16.11
N ASN B 58 4.91 7.78 -16.37
CA ASN B 58 4.84 9.16 -15.88
C ASN B 58 3.40 9.51 -15.54
N PRO B 59 2.95 9.14 -14.32
CA PRO B 59 1.59 9.39 -13.83
C PRO B 59 1.12 10.84 -13.94
N LYS B 60 2.05 11.78 -13.82
CA LYS B 60 1.72 13.20 -13.91
C LYS B 60 1.18 13.61 -15.27
N SER B 61 1.74 13.06 -16.33
CA SER B 61 1.30 13.42 -17.68
C SER B 61 0.71 12.25 -18.48
N ASP B 62 0.75 11.05 -17.92
CA ASP B 62 0.19 9.89 -18.62
C ASP B 62 -1.32 9.87 -18.44
N ARG B 63 -2.04 10.10 -19.53
CA ARG B 63 -3.50 10.08 -19.47
C ARG B 63 -4.00 8.70 -19.86
N TYR B 64 -5.12 8.31 -19.28
CA TYR B 64 -5.71 7.01 -19.56
C TYR B 64 -7.21 7.22 -19.52
N LYS B 65 -7.96 6.17 -19.85
CA LYS B 65 -9.41 6.28 -19.80
C LYS B 65 -9.98 5.26 -18.85
N TYR B 66 -11.07 5.63 -18.19
CA TYR B 66 -11.74 4.72 -17.27
C TYR B 66 -13.23 4.96 -17.43
N LYS B 67 -14.01 3.95 -17.10
CA LYS B 67 -15.45 4.04 -17.22
C LYS B 67 -16.10 3.53 -15.95
N ARG B 68 -17.41 3.69 -15.87
CA ARG B 68 -18.22 3.25 -14.74
C ARG B 68 -19.04 2.05 -15.22
N VAL B 69 -18.90 0.93 -14.54
CA VAL B 69 -19.66 -0.27 -14.91
C VAL B 69 -20.21 -0.90 -13.63
N ASN B 70 -21.53 -1.04 -13.56
CA ASN B 70 -22.16 -1.62 -12.38
C ASN B 70 -21.77 -0.75 -11.19
N GLY B 71 -21.65 0.55 -11.44
CA GLY B 71 -21.31 1.51 -10.40
C GLY B 71 -19.87 1.55 -9.97
N ALA B 72 -19.03 0.68 -10.53
CA ALA B 72 -17.63 0.62 -10.15
C ALA B 72 -16.70 1.19 -11.22
N ILE B 73 -15.56 1.70 -10.76
CA ILE B 73 -14.56 2.26 -11.68
C ILE B 73 -13.89 1.12 -12.42
N VAL B 74 -13.77 1.27 -13.73
CA VAL B 74 -13.13 0.25 -14.56
C VAL B 74 -12.04 0.90 -15.39
N CYS B 75 -10.81 0.45 -15.18
CA CYS B 75 -9.68 0.96 -15.93
C CYS B 75 -9.69 0.26 -17.28
N GLU B 76 -9.99 1.00 -18.33
CA GLU B 76 -10.06 0.43 -19.67
C GLU B 76 -8.70 -0.15 -20.10
N LYS B 77 -8.76 -1.14 -20.98
CA LYS B 77 -7.55 -1.79 -21.49
C LYS B 77 -6.73 -0.84 -22.32
N GLY B 78 -5.48 -0.63 -21.90
CA GLY B 78 -4.58 0.26 -22.62
C GLY B 78 -3.17 -0.24 -22.44
N THR B 79 -2.19 0.65 -22.49
CA THR B 79 -0.81 0.24 -22.31
C THR B 79 -0.59 -0.19 -20.86
N SER B 80 0.51 -0.87 -20.59
CA SER B 80 0.80 -1.32 -19.23
C SER B 80 0.84 -0.12 -18.30
N CYS B 81 1.50 0.95 -18.73
CA CYS B 81 1.60 2.16 -17.91
C CYS B 81 0.23 2.77 -17.64
N GLU B 82 -0.62 2.82 -18.66
CA GLU B 82 -1.95 3.39 -18.49
C GLU B 82 -2.75 2.53 -17.52
N ASN B 83 -2.69 1.21 -17.70
CA ASN B 83 -3.42 0.30 -16.83
C ASN B 83 -3.01 0.43 -15.37
N ARG B 84 -1.71 0.37 -15.13
CA ARG B 84 -1.17 0.44 -13.78
C ARG B 84 -1.32 1.79 -13.10
N ILE B 85 -1.18 2.87 -13.84
CA ILE B 85 -1.37 4.20 -13.25
C ILE B 85 -2.83 4.35 -12.85
N CYS B 86 -3.73 3.87 -13.72
CA CYS B 86 -5.16 3.95 -13.45
C CYS B 86 -5.52 3.17 -12.19
N GLU B 87 -4.94 1.99 -12.04
CA GLU B 87 -5.22 1.16 -10.87
C GLU B 87 -4.73 1.85 -9.59
N CYS B 88 -3.63 2.59 -9.71
CA CYS B 88 -3.10 3.30 -8.56
C CYS B 88 -4.08 4.39 -8.16
N ASP B 89 -4.58 5.12 -9.16
CA ASP B 89 -5.53 6.20 -8.90
C ASP B 89 -6.84 5.68 -8.33
N LYS B 90 -7.34 4.59 -8.90
CA LYS B 90 -8.60 4.00 -8.45
C LYS B 90 -8.50 3.59 -6.98
N ALA B 91 -7.42 2.88 -6.65
CA ALA B 91 -7.21 2.45 -5.27
C ALA B 91 -7.18 3.61 -4.30
N ALA B 92 -6.53 4.71 -4.68
CA ALA B 92 -6.45 5.88 -3.81
C ALA B 92 -7.80 6.56 -3.64
N ALA B 93 -8.52 6.74 -4.74
CA ALA B 93 -9.82 7.40 -4.67
C ALA B 93 -10.78 6.62 -3.77
N ILE B 94 -10.75 5.30 -3.89
CA ILE B 94 -11.61 4.46 -3.06
C ILE B 94 -11.17 4.52 -1.60
N CYS B 95 -9.85 4.54 -1.39
CA CYS B 95 -9.29 4.63 -0.05
C CYS B 95 -9.74 5.94 0.59
N PHE B 96 -9.71 7.02 -0.18
CA PHE B 96 -10.14 8.31 0.35
C PHE B 96 -11.59 8.22 0.81
N ARG B 97 -12.44 7.65 -0.05
CA ARG B 97 -13.86 7.52 0.25
C ARG B 97 -14.09 6.69 1.51
N GLN B 98 -13.41 5.55 1.60
CA GLN B 98 -13.57 4.67 2.76
C GLN B 98 -13.13 5.31 4.07
N ASN B 99 -12.31 6.35 3.98
CA ASN B 99 -11.80 7.03 5.17
C ASN B 99 -12.29 8.47 5.39
N LEU B 100 -13.39 8.82 4.73
CA LEU B 100 -13.95 10.17 4.88
C LEU B 100 -14.39 10.42 6.32
N ASN B 101 -14.63 9.36 7.07
CA ASN B 101 -15.08 9.46 8.45
C ASN B 101 -14.02 10.02 9.39
N THR B 102 -12.76 10.01 8.96
CA THR B 102 -11.67 10.53 9.79
C THR B 102 -10.91 11.67 9.10
N TYR B 103 -11.44 12.13 7.97
CA TYR B 103 -10.81 13.26 7.26
C TYR B 103 -10.90 14.46 8.19
N SER B 104 -9.75 15.01 8.58
CA SER B 104 -9.71 16.15 9.49
C SER B 104 -9.12 17.41 8.85
N LYS B 105 -9.88 18.50 8.88
CA LYS B 105 -9.43 19.75 8.30
C LYS B 105 -8.17 20.29 8.99
N LYS B 106 -7.91 19.80 10.20
CA LYS B 106 -6.73 20.29 10.92
C LYS B 106 -5.47 19.86 10.18
N TYR B 107 -5.61 18.91 9.25
CA TYR B 107 -4.47 18.42 8.49
C TYR B 107 -4.29 19.11 7.14
N MET B 108 -5.18 20.03 6.80
CA MET B 108 -5.05 20.75 5.53
C MET B 108 -4.02 21.85 5.70
N LEU B 109 -3.28 22.16 4.64
CA LEU B 109 -2.23 23.18 4.70
C LEU B 109 -1.26 22.80 5.81
N TYR B 110 -0.89 21.51 5.83
CA TYR B 110 0.01 20.97 6.84
C TYR B 110 1.47 21.36 6.61
N PRO B 111 2.09 22.02 7.61
CA PRO B 111 3.48 22.48 7.60
C PRO B 111 4.51 21.39 7.33
N ASP B 112 5.57 21.79 6.63
CA ASP B 112 6.67 20.91 6.24
C ASP B 112 7.48 20.33 7.40
N PHE B 113 7.84 21.19 8.36
CA PHE B 113 8.63 20.75 9.50
C PHE B 113 7.91 19.75 10.37
N LEU B 114 6.65 19.48 10.05
CA LEU B 114 5.86 18.52 10.81
C LEU B 114 5.99 17.14 10.16
N CYS B 115 6.76 17.08 9.08
CA CYS B 115 6.97 15.84 8.33
C CYS B 115 8.46 15.62 8.08
N LYS B 116 9.09 14.79 8.93
CA LYS B 116 10.52 14.52 8.78
C LYS B 116 10.85 13.02 8.67
N GLY B 117 11.96 12.73 8.01
CA GLY B 117 12.39 11.35 7.83
C GLY B 117 11.72 10.70 6.64
N GLU B 118 12.41 9.78 5.98
CA GLU B 118 11.83 9.11 4.82
C GLU B 118 11.46 7.66 5.09
N LEU B 119 10.26 7.29 4.67
CA LEU B 119 9.76 5.93 4.84
C LEU B 119 9.82 5.33 3.43
N LYS B 120 10.92 4.64 3.13
CA LYS B 120 11.10 4.06 1.81
C LYS B 120 10.12 2.95 1.45
N CYS B 121 9.76 2.91 0.17
CA CYS B 121 8.81 1.92 -0.34
C CYS B 121 9.01 1.74 -1.84
N PHE C 1 10.06 -3.21 -4.32
CA PHE C 1 10.00 -1.76 -3.96
C PHE C 1 8.55 -1.30 -4.02
N LEU C 2 7.94 -2.47 -3.06
CA LEU C 2 6.52 -2.14 -3.07
C LEU C 2 5.51 -2.86 -2.17
N SER C 3 5.87 -3.16 -0.93
CA SER C 3 4.91 -3.84 -0.06
C SER C 3 4.61 -3.11 1.25
N TYR C 4 3.35 -3.12 1.66
CA TYR C 4 2.93 -2.47 2.89
C TYR C 4 2.80 -3.51 3.99
N LYS C 5 2.03 -3.20 5.02
CA LYS C 5 1.82 -4.15 6.09
C LYS C 5 3.07 -4.38 6.92
#